data_3QTH
#
_entry.id   3QTH
#
_cell.length_a   52.112
_cell.length_b   75.026
_cell.length_c   101.404
_cell.angle_alpha   90.000
_cell.angle_beta   90.000
_cell.angle_gamma   90.000
#
_symmetry.space_group_name_H-M   'P 21 21 21'
#
loop_
_entity.id
_entity.type
_entity.pdbx_description
1 polymer 'Uncharacterized protein'
2 non-polymer 'CHLORIDE ION'
3 non-polymer GLYCEROL
4 water water
#
_entity_poly.entity_id   1
_entity_poly.type   'polypeptide(L)'
_entity_poly.pdbx_seq_one_letter_code
;G(MSE)LSRIDLYIKHRDIFLKHLELLHKLIEKVEDSSLNESELLNARLVDD(MSE)FPFNVQAKIATNFALRACCPLSG
KEYKELEGDIDSFCGLKTYVVTAIDYINKLSEPTLEQLNLNVQDTAGFKEIS(MSE)PASEY(MSE)SSFVLPNFFFHIS
(MSE)VYAIAKNNGVSVTKGDFDGIHQYPKGFSWEA
;
_entity_poly.pdbx_strand_id   A,B
#
# COMPACT_ATOMS: atom_id res chain seq x y z
N GLY A 1 2.15 -4.92 25.38
CA GLY A 1 1.88 -4.00 26.48
C GLY A 1 2.10 -2.56 26.10
N LEU A 3 5.11 -0.88 26.16
CA LEU A 3 6.35 -0.84 25.40
C LEU A 3 6.11 -1.08 23.94
N SER A 4 5.17 -1.99 23.64
CA SER A 4 4.73 -2.37 22.32
C SER A 4 4.05 -1.20 21.59
N ARG A 5 3.17 -0.45 22.30
CA ARG A 5 2.41 0.67 21.75
C ARG A 5 3.31 1.81 21.26
N ILE A 6 4.36 2.16 22.03
CA ILE A 6 5.35 3.18 21.69
C ILE A 6 6.15 2.76 20.43
N ASP A 7 6.65 1.53 20.39
CA ASP A 7 7.45 0.99 19.29
C ASP A 7 6.62 0.81 18.01
N LEU A 8 5.35 0.36 18.09
CA LEU A 8 4.53 0.23 16.89
C LEU A 8 4.23 1.60 16.29
N TYR A 9 3.99 2.65 17.13
CA TYR A 9 3.74 4.00 16.64
C TYR A 9 4.96 4.52 15.85
N ILE A 10 6.18 4.32 16.39
CA ILE A 10 7.44 4.77 15.82
C ILE A 10 7.67 4.07 14.48
N LYS A 11 7.45 2.75 14.40
CA LYS A 11 7.65 2.01 13.17
CA LYS A 11 7.65 2.01 13.17
C LYS A 11 6.72 2.50 12.06
N HIS A 12 5.39 2.64 12.35
CA HIS A 12 4.38 3.08 11.38
C HIS A 12 4.63 4.51 10.96
N ARG A 13 4.95 5.39 11.91
CA ARG A 13 5.27 6.77 11.58
C ARG A 13 6.49 6.84 10.62
N ASP A 14 7.53 6.04 10.90
CA ASP A 14 8.76 6.03 10.08
C ASP A 14 8.53 5.52 8.67
N ILE A 15 7.59 4.57 8.51
CA ILE A 15 7.22 4.03 7.20
C ILE A 15 6.53 5.14 6.38
N PHE A 16 5.57 5.88 7.02
CA PHE A 16 4.87 7.00 6.35
C PHE A 16 5.86 8.06 5.92
N LEU A 17 6.81 8.39 6.82
CA LEU A 17 7.83 9.40 6.56
C LEU A 17 8.73 9.00 5.40
N LYS A 18 9.20 7.74 5.38
CA LYS A 18 10.06 7.21 4.32
C LYS A 18 9.38 7.32 2.95
N HIS A 19 8.11 6.86 2.86
CA HIS A 19 7.37 6.80 1.60
C HIS A 19 6.89 8.19 1.17
N LEU A 20 6.66 9.11 2.12
CA LEU A 20 6.33 10.49 1.72
C LEU A 20 7.57 11.12 1.08
N GLU A 21 8.78 10.79 1.60
CA GLU A 21 10.04 11.30 1.03
C GLU A 21 10.27 10.71 -0.36
N LEU A 22 9.96 9.41 -0.55
CA LEU A 22 10.08 8.77 -1.87
C LEU A 22 9.04 9.37 -2.84
N LEU A 23 7.84 9.71 -2.34
CA LEU A 23 6.80 10.39 -3.14
C LEU A 23 7.28 11.77 -3.57
N HIS A 24 7.92 12.53 -2.65
CA HIS A 24 8.50 13.84 -2.96
C HIS A 24 9.55 13.69 -4.08
N LYS A 25 10.45 12.70 -3.94
CA LYS A 25 11.49 12.39 -4.94
C LYS A 25 10.88 11.93 -6.26
N LEU A 26 9.72 11.24 -6.23
CA LEU A 26 9.04 10.83 -7.45
C LEU A 26 8.52 12.05 -8.23
N ILE A 27 7.83 12.99 -7.52
CA ILE A 27 7.30 14.23 -8.13
C ILE A 27 8.46 15.04 -8.78
N GLU A 28 9.66 15.07 -8.14
CA GLU A 28 10.85 15.75 -8.69
C GLU A 28 11.26 15.12 -10.00
N LYS A 29 11.18 13.77 -10.10
CA LYS A 29 11.54 13.02 -11.30
C LYS A 29 10.53 13.30 -12.44
N VAL A 30 9.21 13.32 -12.11
CA VAL A 30 8.11 13.59 -13.05
C VAL A 30 8.25 15.02 -13.60
N GLU A 31 8.64 15.97 -12.72
CA GLU A 31 8.86 17.37 -13.06
C GLU A 31 10.02 17.51 -14.06
N ASP A 32 11.09 16.71 -13.88
CA ASP A 32 12.31 16.75 -14.70
C ASP A 32 12.23 15.85 -15.93
N SER A 33 11.05 15.29 -16.22
CA SER A 33 10.84 14.35 -17.31
C SER A 33 10.50 15.03 -18.67
N SER A 34 10.50 16.39 -18.73
CA SER A 34 10.21 17.22 -19.92
C SER A 34 8.82 16.88 -20.53
N LEU A 35 7.87 16.56 -19.66
CA LEU A 35 6.47 16.25 -19.96
C LEU A 35 5.63 17.53 -19.76
N ASN A 36 4.40 17.59 -20.32
CA ASN A 36 3.50 18.75 -20.09
C ASN A 36 2.97 18.67 -18.64
N GLU A 37 3.24 19.72 -17.83
CA GLU A 37 2.91 19.85 -16.41
C GLU A 37 1.43 19.55 -16.13
N SER A 38 0.50 20.33 -16.72
CA SER A 38 -0.95 20.16 -16.54
C SER A 38 -1.45 18.78 -16.98
N GLU A 39 -0.94 18.27 -18.12
CA GLU A 39 -1.33 16.97 -18.67
C GLU A 39 -0.97 15.84 -17.70
N LEU A 40 0.29 15.86 -17.17
CA LEU A 40 0.84 14.88 -16.24
C LEU A 40 0.11 14.87 -14.87
N LEU A 41 -0.24 16.06 -14.35
CA LEU A 41 -0.93 16.22 -13.05
C LEU A 41 -2.39 15.77 -13.09
N ASN A 42 -3.08 15.96 -14.24
CA ASN A 42 -4.49 15.59 -14.43
C ASN A 42 -4.65 14.19 -15.06
N ALA A 43 -3.52 13.49 -15.28
CA ALA A 43 -3.52 12.15 -15.88
C ALA A 43 -4.11 11.10 -14.94
N ARG A 44 -4.96 10.24 -15.50
CA ARG A 44 -5.63 9.13 -14.85
C ARG A 44 -5.12 7.79 -15.41
N LEU A 45 -5.36 6.71 -14.66
CA LEU A 45 -4.97 5.33 -14.98
C LEU A 45 -6.23 4.52 -15.38
N VAL A 46 -7.37 4.78 -14.69
CA VAL A 46 -8.74 4.28 -14.89
C VAL A 46 -9.63 5.54 -14.90
N ASP A 47 -10.56 5.65 -15.88
CA ASP A 47 -11.43 6.82 -16.07
C ASP A 47 -12.19 7.24 -14.79
N ASP A 48 -12.65 6.26 -14.00
CA ASP A 48 -13.42 6.44 -12.77
C ASP A 48 -12.51 6.61 -11.50
N PHE A 50 -9.21 8.83 -9.41
CA PHE A 50 -8.61 10.17 -9.24
C PHE A 50 -7.32 10.39 -10.05
N PRO A 51 -7.06 11.64 -10.51
CA PRO A 51 -5.83 11.88 -11.27
C PRO A 51 -4.59 11.90 -10.38
N PHE A 52 -3.40 11.92 -11.02
CA PHE A 52 -2.07 11.91 -10.41
C PHE A 52 -1.96 12.80 -9.18
N ASN A 53 -2.22 14.11 -9.32
CA ASN A 53 -2.06 15.07 -8.24
C ASN A 53 -3.00 14.80 -7.06
N VAL A 54 -4.26 14.38 -7.32
CA VAL A 54 -5.25 14.06 -6.28
C VAL A 54 -4.84 12.76 -5.54
N GLN A 55 -4.21 11.82 -6.28
CA GLN A 55 -3.69 10.56 -5.71
C GLN A 55 -2.58 10.88 -4.72
N ALA A 56 -1.69 11.83 -5.08
CA ALA A 56 -0.60 12.26 -4.21
C ALA A 56 -1.14 13.01 -2.97
N LYS A 57 -2.20 13.80 -3.14
CA LYS A 57 -2.84 14.56 -2.07
C LYS A 57 -3.46 13.62 -1.04
N ILE A 58 -4.23 12.63 -1.51
CA ILE A 58 -4.93 11.66 -0.66
C ILE A 58 -3.92 10.83 0.16
N ALA A 59 -2.85 10.32 -0.51
CA ALA A 59 -1.77 9.56 0.14
C ALA A 59 -1.16 10.39 1.29
N THR A 60 -0.88 11.68 1.02
CA THR A 60 -0.32 12.60 2.00
C THR A 60 -1.29 12.80 3.17
N ASN A 61 -2.60 12.97 2.87
CA ASN A 61 -3.59 13.16 3.91
C ASN A 61 -3.81 11.91 4.74
N PHE A 62 -3.60 10.71 4.17
CA PHE A 62 -3.69 9.47 4.93
C PHE A 62 -2.53 9.43 5.94
N ALA A 63 -1.31 9.85 5.55
CA ALA A 63 -0.17 9.89 6.49
C ALA A 63 -0.47 10.86 7.67
N LEU A 64 -1.10 12.00 7.38
CA LEU A 64 -1.46 13.02 8.36
C LEU A 64 -2.59 12.52 9.27
N ARG A 65 -3.59 11.81 8.71
CA ARG A 65 -4.69 11.24 9.50
C ARG A 65 -4.17 10.22 10.51
N ALA A 66 -3.10 9.47 10.15
CA ALA A 66 -2.48 8.50 11.07
C ALA A 66 -1.65 9.19 12.17
N CYS A 67 -0.95 10.28 11.86
CA CYS A 67 -0.04 10.90 12.81
C CYS A 67 -0.63 12.01 13.68
N CYS A 68 -1.60 12.84 13.19
CA CYS A 68 -2.19 13.95 13.98
C CYS A 68 -2.88 13.46 15.29
N PRO A 69 -3.80 12.43 15.32
CA PRO A 69 -4.45 12.09 16.61
C PRO A 69 -3.48 11.49 17.63
N LEU A 70 -2.39 10.88 17.16
CA LEU A 70 -1.42 10.29 18.05
C LEU A 70 -0.61 11.32 18.83
N SER A 71 -0.49 12.56 18.32
CA SER A 71 0.17 13.64 19.09
C SER A 71 -0.90 14.56 19.68
N GLY A 72 -2.12 14.01 19.84
CA GLY A 72 -3.28 14.69 20.42
C GLY A 72 -3.81 15.84 19.59
N LYS A 73 -3.66 15.79 18.24
CA LYS A 73 -4.13 16.87 17.36
C LYS A 73 -5.35 16.43 16.54
N GLU A 74 -6.25 17.39 16.30
CA GLU A 74 -7.47 17.19 15.51
C GLU A 74 -7.12 17.39 14.02
N TYR A 75 -7.09 16.29 13.24
CA TYR A 75 -6.76 16.33 11.83
C TYR A 75 -7.70 17.27 11.04
N LYS A 76 -7.09 18.08 10.19
CA LYS A 76 -7.72 18.98 9.26
C LYS A 76 -6.98 18.79 7.96
N GLU A 77 -7.70 18.73 6.83
CA GLU A 77 -7.05 18.56 5.54
C GLU A 77 -6.05 19.66 5.25
N LEU A 78 -4.88 19.26 4.76
CA LEU A 78 -3.80 20.15 4.39
C LEU A 78 -4.22 20.95 3.15
N GLU A 79 -4.19 22.26 3.24
CA GLU A 79 -4.56 23.04 2.07
C GLU A 79 -3.30 23.35 1.27
N GLY A 80 -3.49 23.71 0.01
CA GLY A 80 -2.38 24.03 -0.88
C GLY A 80 -2.70 23.87 -2.34
N ASP A 81 -1.73 24.24 -3.18
CA ASP A 81 -1.87 24.17 -4.61
C ASP A 81 -1.34 22.84 -5.08
N ILE A 82 -2.18 22.02 -5.73
CA ILE A 82 -1.73 20.73 -6.24
C ILE A 82 -1.77 20.78 -7.78
N ASP A 83 -1.97 21.98 -8.35
CA ASP A 83 -2.11 22.18 -9.79
C ASP A 83 -0.80 22.60 -10.48
N SER A 84 0.33 22.45 -9.78
CA SER A 84 1.69 22.72 -10.29
C SER A 84 2.64 21.78 -9.56
N PHE A 85 3.79 21.44 -10.18
CA PHE A 85 4.77 20.56 -9.57
C PHE A 85 5.36 21.20 -8.31
N CYS A 86 5.57 22.55 -8.34
CA CYS A 86 6.13 23.29 -7.21
CA CYS A 86 6.11 23.34 -7.23
C CYS A 86 5.18 23.24 -6.00
N GLY A 87 3.88 23.43 -6.24
CA GLY A 87 2.86 23.39 -5.21
C GLY A 87 2.62 22.01 -4.63
N LEU A 88 2.63 20.97 -5.51
CA LEU A 88 2.42 19.59 -5.08
C LEU A 88 3.61 19.11 -4.22
N LYS A 89 4.84 19.50 -4.59
CA LYS A 89 6.05 19.18 -3.81
C LYS A 89 5.97 19.84 -2.45
N THR A 90 5.57 21.14 -2.42
CA THR A 90 5.41 21.91 -1.19
C THR A 90 4.39 21.21 -0.31
N TYR A 91 3.26 20.78 -0.90
CA TYR A 91 2.22 20.04 -0.18
C TYR A 91 2.81 18.81 0.57
N VAL A 92 3.62 17.97 -0.13
CA VAL A 92 4.24 16.77 0.47
C VAL A 92 5.29 17.15 1.55
N VAL A 93 6.16 18.15 1.25
CA VAL A 93 7.23 18.62 2.14
C VAL A 93 6.59 19.19 3.43
N THR A 94 5.46 19.92 3.31
CA THR A 94 4.73 20.46 4.45
C THR A 94 4.30 19.31 5.36
N ALA A 95 3.77 18.21 4.80
CA ALA A 95 3.36 17.03 5.59
C ALA A 95 4.56 16.37 6.27
N ILE A 96 5.67 16.16 5.54
CA ILE A 96 6.89 15.54 6.06
C ILE A 96 7.40 16.33 7.28
N ASP A 97 7.64 17.66 7.08
CA ASP A 97 8.15 18.55 8.11
C ASP A 97 7.22 18.59 9.32
N TYR A 98 5.90 18.67 9.09
CA TYR A 98 4.90 18.66 10.16
C TYR A 98 5.00 17.35 10.96
N ILE A 99 4.98 16.18 10.30
CA ILE A 99 5.05 14.87 10.97
C ILE A 99 6.37 14.76 11.80
N ASN A 100 7.52 15.15 11.21
CA ASN A 100 8.83 15.11 11.85
C ASN A 100 8.92 15.96 13.09
N LYS A 101 8.18 17.08 13.13
CA LYS A 101 8.22 18.03 14.24
C LYS A 101 7.17 17.74 15.31
N LEU A 102 6.26 16.78 15.08
CA LEU A 102 5.25 16.38 16.05
C LEU A 102 5.92 15.93 17.33
N SER A 103 5.33 16.28 18.48
CA SER A 103 5.85 15.85 19.78
C SER A 103 5.61 14.34 19.94
N GLU A 104 6.52 13.66 20.65
CA GLU A 104 6.38 12.23 20.92
C GLU A 104 5.07 12.02 21.67
N PRO A 105 4.17 11.09 21.23
CA PRO A 105 2.89 10.92 21.95
C PRO A 105 3.04 10.46 23.38
N THR A 106 2.14 10.94 24.24
CA THR A 106 2.08 10.58 25.65
C THR A 106 1.54 9.17 25.73
N LEU A 107 1.68 8.55 26.91
CA LEU A 107 1.14 7.23 27.20
C LEU A 107 -0.39 7.27 27.01
N GLU A 108 -1.04 8.34 27.51
CA GLU A 108 -2.48 8.61 27.43
C GLU A 108 -2.96 8.69 25.98
N GLN A 109 -2.21 9.44 25.13
CA GLN A 109 -2.51 9.62 23.69
C GLN A 109 -2.41 8.28 22.93
N LEU A 110 -1.43 7.43 23.30
CA LEU A 110 -1.22 6.12 22.72
C LEU A 110 -2.34 5.13 23.12
N ASN A 111 -2.94 5.34 24.31
CA ASN A 111 -4.02 4.49 24.84
C ASN A 111 -5.40 4.93 24.36
N LEU A 112 -5.49 6.05 23.65
CA LEU A 112 -6.77 6.52 23.15
C LEU A 112 -7.14 5.89 21.79
N ASN A 113 -8.43 5.62 21.58
CA ASN A 113 -9.01 5.18 20.33
C ASN A 113 -9.04 6.36 19.35
N VAL A 114 -8.86 6.08 18.05
CA VAL A 114 -8.92 7.14 17.04
C VAL A 114 -10.30 7.06 16.38
N GLN A 115 -11.04 8.19 16.32
CA GLN A 115 -12.36 8.29 15.72
C GLN A 115 -12.21 8.88 14.34
N ASP A 116 -12.77 8.20 13.33
CA ASP A 116 -12.72 8.68 11.95
C ASP A 116 -13.93 8.15 11.20
N THR A 117 -14.07 8.53 9.92
CA THR A 117 -15.13 8.01 9.06
C THR A 117 -14.45 7.46 7.80
N ALA A 118 -14.84 6.24 7.41
CA ALA A 118 -14.35 5.56 6.21
C ALA A 118 -15.53 5.44 5.28
N GLY A 119 -15.69 6.45 4.42
CA GLY A 119 -16.86 6.56 3.56
C GLY A 119 -18.03 6.98 4.44
N PHE A 120 -19.04 6.11 4.58
CA PHE A 120 -20.20 6.39 5.43
C PHE A 120 -20.12 5.68 6.79
N LYS A 121 -19.08 4.84 6.99
CA LYS A 121 -18.83 4.05 8.20
C LYS A 121 -18.00 4.80 9.25
N GLU A 122 -18.56 4.99 10.45
CA GLU A 122 -17.83 5.61 11.55
C GLU A 122 -16.97 4.53 12.22
N ILE A 123 -15.72 4.85 12.54
CA ILE A 123 -14.83 3.87 13.16
C ILE A 123 -14.18 4.46 14.40
N SER A 124 -13.89 3.58 15.34
CA SER A 124 -13.19 3.87 16.59
C SER A 124 -12.27 2.71 16.83
N PRO A 126 -8.14 1.43 18.31
CA PRO A 126 -6.91 1.86 18.99
C PRO A 126 -5.89 2.29 17.95
N ALA A 127 -4.98 3.16 18.39
CA ALA A 127 -3.91 3.75 17.62
C ALA A 127 -3.17 2.74 16.72
N SER A 128 -2.72 1.58 17.25
CA SER A 128 -2.01 0.54 16.48
C SER A 128 -2.83 0.01 15.30
N GLU A 129 -4.11 -0.31 15.53
CA GLU A 129 -5.02 -0.82 14.50
C GLU A 129 -5.35 0.26 13.51
N TYR A 130 -5.62 1.49 13.98
CA TYR A 130 -5.99 2.59 13.08
C TYR A 130 -4.89 2.86 12.06
N SER A 132 -2.08 0.83 11.27
CA SER A 132 -1.65 -0.30 10.49
C SER A 132 -2.75 -0.98 9.69
N SER A 133 -3.98 -1.08 10.22
CA SER A 133 -5.05 -1.77 9.50
C SER A 133 -5.84 -0.84 8.58
N PHE A 134 -6.04 0.42 8.99
CA PHE A 134 -6.85 1.32 8.19
C PHE A 134 -6.00 2.24 7.32
N VAL A 135 -5.13 3.03 7.93
CA VAL A 135 -4.39 4.00 7.15
C VAL A 135 -3.35 3.37 6.22
N LEU A 136 -2.43 2.54 6.77
CA LEU A 136 -1.34 1.95 6.00
CA LEU A 136 -1.34 1.95 6.00
C LEU A 136 -1.81 1.31 4.65
N PRO A 137 -2.84 0.41 4.55
CA PRO A 137 -3.20 -0.11 3.21
C PRO A 137 -3.70 0.97 2.25
N ASN A 138 -4.51 1.93 2.77
CA ASN A 138 -5.07 3.03 1.97
C ASN A 138 -3.97 3.97 1.51
N PHE A 139 -2.98 4.25 2.39
CA PHE A 139 -1.81 5.05 2.06
C PHE A 139 -1.06 4.42 0.85
N PHE A 140 -0.79 3.11 0.93
CA PHE A 140 -0.06 2.41 -0.11
C PHE A 140 -0.88 2.27 -1.39
N PHE A 141 -2.22 2.21 -1.31
CA PHE A 141 -3.07 2.19 -2.51
C PHE A 141 -2.85 3.47 -3.34
N HIS A 142 -2.97 4.65 -2.72
CA HIS A 142 -2.85 5.93 -3.43
C HIS A 142 -1.41 6.20 -3.87
N ILE A 143 -0.40 5.83 -3.06
CA ILE A 143 1.01 5.93 -3.44
C ILE A 143 1.23 5.08 -4.72
N SER A 144 0.69 3.83 -4.76
CA SER A 144 0.79 2.91 -5.90
C SER A 144 0.18 3.50 -7.16
N VAL A 146 -0.01 6.76 -7.86
CA VAL A 146 0.89 7.86 -8.31
C VAL A 146 2.00 7.27 -9.20
N TYR A 147 2.61 6.16 -8.75
CA TYR A 147 3.69 5.46 -9.44
CA TYR A 147 3.70 5.50 -9.47
C TYR A 147 3.21 4.91 -10.79
N ALA A 148 2.06 4.20 -10.78
CA ALA A 148 1.50 3.59 -11.98
C ALA A 148 1.12 4.65 -13.04
N ILE A 149 0.56 5.81 -12.61
CA ILE A 149 0.19 6.90 -13.52
C ILE A 149 1.47 7.48 -14.16
N ALA A 150 2.52 7.69 -13.34
CA ALA A 150 3.81 8.22 -13.79
C ALA A 150 4.42 7.30 -14.87
N LYS A 151 4.42 5.97 -14.60
CA LYS A 151 4.95 4.95 -15.50
C LYS A 151 4.15 4.92 -16.82
N ASN A 152 2.82 5.08 -16.73
CA ASN A 152 1.88 5.08 -17.85
C ASN A 152 2.12 6.28 -18.79
N ASN A 153 2.68 7.37 -18.26
CA ASN A 153 2.93 8.58 -19.02
C ASN A 153 4.42 8.72 -19.39
N GLY A 154 5.08 7.58 -19.58
CA GLY A 154 6.46 7.50 -20.04
C GLY A 154 7.57 7.94 -19.12
N VAL A 155 7.26 8.30 -17.84
CA VAL A 155 8.27 8.69 -16.86
C VAL A 155 9.12 7.45 -16.54
N SER A 156 10.46 7.61 -16.48
CA SER A 156 11.40 6.53 -16.19
C SER A 156 11.40 6.18 -14.68
N VAL A 157 10.51 5.28 -14.28
CA VAL A 157 10.44 4.85 -12.87
C VAL A 157 10.59 3.37 -12.74
N THR A 158 11.27 2.94 -11.67
CA THR A 158 11.45 1.53 -11.34
C THR A 158 10.88 1.31 -9.94
N LYS A 159 10.86 0.05 -9.48
CA LYS A 159 10.41 -0.29 -8.14
C LYS A 159 11.27 0.41 -7.07
N GLY A 160 12.52 0.75 -7.41
CA GLY A 160 13.44 1.49 -6.55
C GLY A 160 12.93 2.86 -6.16
N ASP A 161 12.20 3.52 -7.07
CA ASP A 161 11.60 4.83 -6.81
C ASP A 161 10.44 4.69 -5.83
N PHE A 162 9.82 3.49 -5.76
CA PHE A 162 8.69 3.19 -4.90
C PHE A 162 9.12 2.72 -3.49
N ASP A 163 10.12 1.84 -3.37
CA ASP A 163 10.46 1.34 -2.03
C ASP A 163 11.86 1.70 -1.54
N GLY A 164 12.72 2.26 -2.42
CA GLY A 164 14.08 2.62 -2.05
C GLY A 164 14.99 1.45 -1.74
N ILE A 165 14.57 0.22 -2.12
CA ILE A 165 15.32 -1.01 -1.86
C ILE A 165 15.67 -1.69 -3.20
N HIS A 166 14.69 -1.83 -4.12
CA HIS A 166 14.94 -2.40 -5.45
C HIS A 166 15.95 -1.55 -6.19
N GLN A 167 16.86 -2.21 -6.93
CA GLN A 167 17.86 -1.50 -7.74
C GLN A 167 17.97 -2.14 -9.10
N TYR A 168 18.08 -1.31 -10.11
CA TYR A 168 18.22 -1.73 -11.51
C TYR A 168 19.32 -0.90 -12.14
N PRO A 169 19.92 -1.32 -13.27
CA PRO A 169 20.92 -0.46 -13.95
C PRO A 169 20.36 0.95 -14.21
N LYS A 170 21.22 1.97 -14.00
CA LYS A 170 20.85 3.37 -14.18
C LYS A 170 21.31 3.89 -15.53
N GLY A 171 20.70 4.99 -15.99
CA GLY A 171 21.09 5.66 -17.24
C GLY A 171 22.58 5.98 -17.26
N PHE A 172 23.15 6.08 -18.46
CA PHE A 172 24.57 6.35 -18.68
C PHE A 172 25.07 7.67 -18.04
N GLY B 1 11.03 -2.50 23.47
CA GLY B 1 12.22 -2.62 22.64
C GLY B 1 12.09 -3.71 21.60
N LEU B 3 11.16 -6.91 21.88
CA LEU B 3 9.95 -7.75 21.96
C LEU B 3 8.81 -7.22 21.12
N SER B 4 8.73 -5.89 20.93
CA SER B 4 7.68 -5.27 20.10
C SER B 4 7.73 -5.76 18.66
N ARG B 5 8.88 -6.33 18.20
CA ARG B 5 9.02 -6.90 16.85
C ARG B 5 8.06 -8.08 16.68
N ILE B 6 7.81 -8.84 17.76
CA ILE B 6 6.85 -9.96 17.73
C ILE B 6 5.43 -9.39 17.49
N ASP B 7 5.06 -8.33 18.22
CA ASP B 7 3.80 -7.61 18.10
C ASP B 7 3.66 -7.02 16.68
N LEU B 8 4.74 -6.43 16.15
CA LEU B 8 4.76 -5.85 14.79
C LEU B 8 4.50 -6.95 13.76
N TYR B 9 5.17 -8.11 13.94
CA TYR B 9 5.03 -9.29 13.08
C TYR B 9 3.58 -9.79 13.09
N ILE B 10 2.98 -10.00 14.30
CA ILE B 10 1.61 -10.52 14.41
C ILE B 10 0.64 -9.56 13.72
N LYS B 11 0.81 -8.23 13.94
CA LYS B 11 -0.06 -7.21 13.34
CA LYS B 11 -0.06 -7.21 13.34
C LYS B 11 0.06 -7.25 11.82
N HIS B 12 1.28 -7.22 11.28
CA HIS B 12 1.48 -7.22 9.85
C HIS B 12 1.11 -8.59 9.24
N ARG B 13 1.46 -9.74 9.90
CA ARG B 13 1.01 -11.05 9.39
C ARG B 13 -0.52 -11.05 9.25
N ASP B 14 -1.26 -10.49 10.26
CA ASP B 14 -2.72 -10.45 10.24
C ASP B 14 -3.25 -9.56 9.13
N ILE B 15 -2.51 -8.49 8.79
CA ILE B 15 -2.82 -7.59 7.68
C ILE B 15 -2.64 -8.35 6.35
N PHE B 16 -1.52 -9.10 6.15
CA PHE B 16 -1.35 -9.92 4.94
C PHE B 16 -2.50 -10.92 4.79
N LEU B 17 -2.87 -11.60 5.90
CA LEU B 17 -3.94 -12.61 5.93
C LEU B 17 -5.28 -11.99 5.55
N LYS B 18 -5.60 -10.81 6.13
CA LYS B 18 -6.84 -10.11 5.86
C LYS B 18 -6.96 -9.74 4.39
N HIS B 19 -5.90 -9.16 3.81
CA HIS B 19 -5.89 -8.68 2.44
C HIS B 19 -5.83 -9.83 1.43
N LEU B 20 -5.24 -10.97 1.82
CA LEU B 20 -5.28 -12.15 0.96
C LEU B 20 -6.74 -12.67 0.88
N GLU B 21 -7.47 -12.59 2.01
CA GLU B 21 -8.88 -13.01 2.04
C GLU B 21 -9.74 -12.05 1.23
N LEU B 22 -9.46 -10.72 1.29
CA LEU B 22 -10.19 -9.71 0.50
C LEU B 22 -9.85 -9.91 -0.99
N LEU B 23 -8.61 -10.31 -1.31
CA LEU B 23 -8.16 -10.63 -2.67
C LEU B 23 -8.95 -11.85 -3.17
N HIS B 24 -9.13 -12.90 -2.33
CA HIS B 24 -9.89 -14.09 -2.72
C HIS B 24 -11.37 -13.69 -3.00
N LYS B 25 -11.96 -12.84 -2.12
CA LYS B 25 -13.32 -12.32 -2.30
C LYS B 25 -13.41 -11.43 -3.54
N LEU B 26 -12.34 -10.69 -3.91
CA LEU B 26 -12.31 -9.87 -5.12
C LEU B 26 -12.36 -10.79 -6.36
N ILE B 27 -11.52 -11.85 -6.42
CA ILE B 27 -11.50 -12.82 -7.52
C ILE B 27 -12.89 -13.48 -7.70
N GLU B 28 -13.62 -13.77 -6.59
CA GLU B 28 -14.98 -14.31 -6.65
C GLU B 28 -15.94 -13.30 -7.30
N LYS B 29 -15.78 -11.98 -7.02
CA LYS B 29 -16.60 -10.91 -7.58
C LYS B 29 -16.33 -10.76 -9.09
N VAL B 30 -15.03 -10.84 -9.51
CA VAL B 30 -14.58 -10.76 -10.91
C VAL B 30 -15.11 -11.97 -11.68
N GLU B 31 -15.18 -13.16 -11.03
CA GLU B 31 -15.69 -14.42 -11.59
C GLU B 31 -17.18 -14.31 -11.94
N ASP B 32 -18.01 -13.84 -10.98
CA ASP B 32 -19.46 -13.68 -11.12
C ASP B 32 -19.86 -12.37 -11.86
N SER B 33 -18.88 -11.64 -12.46
CA SER B 33 -19.13 -10.38 -13.18
C SER B 33 -19.60 -10.60 -14.65
N SER B 34 -19.79 -11.87 -15.07
CA SER B 34 -20.22 -12.28 -16.43
C SER B 34 -19.28 -11.72 -17.54
N LEU B 35 -17.98 -11.60 -17.21
CA LEU B 35 -16.92 -11.15 -18.10
C LEU B 35 -16.16 -12.36 -18.63
N ASN B 36 -15.41 -12.22 -19.75
CA ASN B 36 -14.63 -13.32 -20.33
C ASN B 36 -13.43 -13.61 -19.41
N GLU B 37 -13.35 -14.87 -18.90
CA GLU B 37 -12.35 -15.38 -17.97
C GLU B 37 -10.91 -15.08 -18.43
N SER B 38 -10.50 -15.60 -19.59
CA SER B 38 -9.15 -15.41 -20.16
C SER B 38 -8.82 -13.94 -20.41
N GLU B 39 -9.79 -13.17 -20.94
CA GLU B 39 -9.61 -11.74 -21.22
C GLU B 39 -9.30 -10.96 -19.94
N LEU B 40 -9.99 -11.30 -18.83
CA LEU B 40 -9.83 -10.67 -17.53
C LEU B 40 -8.50 -10.99 -16.87
N LEU B 41 -8.14 -12.29 -16.81
CA LEU B 41 -6.90 -12.75 -16.19
C LEU B 41 -5.67 -12.23 -16.89
N ASN B 42 -5.76 -11.95 -18.21
CA ASN B 42 -4.64 -11.44 -18.99
C ASN B 42 -4.70 -9.90 -19.17
N ALA B 43 -5.71 -9.23 -18.56
CA ALA B 43 -5.90 -7.78 -18.65
C ALA B 43 -4.81 -7.01 -17.90
N ARG B 44 -4.27 -5.98 -18.55
CA ARG B 44 -3.23 -5.07 -18.04
C ARG B 44 -3.79 -3.66 -17.89
N LEU B 45 -3.04 -2.79 -17.22
CA LEU B 45 -3.37 -1.38 -17.07
C LEU B 45 -2.36 -0.59 -17.88
N VAL B 46 -1.07 -0.86 -17.60
CA VAL B 46 0.05 -0.29 -18.35
C VAL B 46 0.62 -1.44 -19.20
N ASP B 47 0.87 -1.19 -20.50
CA ASP B 47 1.37 -2.17 -21.47
C ASP B 47 2.60 -2.99 -21.00
N ASP B 48 3.57 -2.32 -20.33
CA ASP B 48 4.79 -2.96 -19.85
CA ASP B 48 4.79 -2.98 -19.86
C ASP B 48 4.67 -3.47 -18.39
N PHE B 50 2.64 -6.22 -15.52
CA PHE B 50 2.06 -7.56 -15.40
C PHE B 50 0.53 -7.61 -15.43
N PRO B 51 -0.06 -8.66 -16.02
CA PRO B 51 -1.54 -8.74 -16.06
C PRO B 51 -2.13 -9.11 -14.71
N PHE B 52 -3.48 -9.02 -14.61
CA PHE B 52 -4.31 -9.29 -13.44
C PHE B 52 -3.85 -10.51 -12.65
N ASN B 53 -3.85 -11.70 -13.28
CA ASN B 53 -3.52 -12.95 -12.59
C ASN B 53 -2.08 -12.97 -12.06
N VAL B 54 -1.10 -12.42 -12.80
CA VAL B 54 0.32 -12.35 -12.38
C VAL B 54 0.45 -11.36 -11.21
N GLN B 55 -0.33 -10.25 -11.21
CA GLN B 55 -0.32 -9.27 -10.11
C GLN B 55 -0.82 -9.98 -8.84
N ALA B 56 -1.92 -10.78 -8.94
CA ALA B 56 -2.47 -11.55 -7.81
C ALA B 56 -1.46 -12.59 -7.31
N LYS B 57 -0.76 -13.27 -8.25
CA LYS B 57 0.27 -14.26 -7.91
C LYS B 57 1.45 -13.60 -7.15
N ILE B 58 1.95 -12.43 -7.63
CA ILE B 58 3.08 -11.70 -7.04
C ILE B 58 2.73 -11.24 -5.64
N ALA B 59 1.52 -10.63 -5.47
CA ALA B 59 1.02 -10.18 -4.15
C ALA B 59 0.99 -11.35 -3.18
N THR B 60 0.47 -12.52 -3.60
CA THR B 60 0.40 -13.74 -2.80
C THR B 60 1.81 -14.20 -2.41
N ASN B 61 2.75 -14.20 -3.38
CA ASN B 61 4.14 -14.61 -3.16
CA ASN B 61 4.14 -14.62 -3.17
C ASN B 61 4.86 -13.67 -2.20
N PHE B 62 4.52 -12.36 -2.24
CA PHE B 62 5.11 -11.41 -1.31
C PHE B 62 4.62 -11.73 0.13
N ALA B 63 3.33 -12.09 0.32
CA ALA B 63 2.82 -12.46 1.66
C ALA B 63 3.54 -13.70 2.21
N LEU B 64 3.82 -14.68 1.33
CA LEU B 64 4.52 -15.93 1.67
C LEU B 64 5.99 -15.69 2.01
N ARG B 65 6.68 -14.86 1.20
CA ARG B 65 8.07 -14.49 1.41
C ARG B 65 8.22 -13.83 2.78
N ALA B 66 7.27 -12.97 3.16
CA ALA B 66 7.34 -12.27 4.43
C ALA B 66 7.15 -13.19 5.63
N CYS B 67 6.17 -14.10 5.56
CA CYS B 67 5.79 -14.95 6.68
C CYS B 67 6.59 -16.24 6.83
N CYS B 68 7.13 -16.87 5.76
CA CYS B 68 7.82 -18.16 5.93
C CYS B 68 9.23 -18.10 6.59
N PRO B 69 10.15 -17.14 6.30
CA PRO B 69 11.45 -17.15 7.00
C PRO B 69 11.33 -16.73 8.47
N GLU B 79 3.42 -23.27 -6.26
CA GLU B 79 3.03 -23.67 -7.61
C GLU B 79 1.51 -23.76 -7.74
N GLY B 80 1.02 -23.69 -8.97
CA GLY B 80 -0.40 -23.75 -9.26
C GLY B 80 -0.80 -23.11 -10.57
N ASP B 81 -2.07 -23.26 -10.91
CA ASP B 81 -2.65 -22.74 -12.13
C ASP B 81 -3.21 -21.35 -11.85
N ILE B 82 -2.73 -20.34 -12.56
CA ILE B 82 -3.25 -18.98 -12.38
C ILE B 82 -3.99 -18.56 -13.67
N ASP B 83 -4.22 -19.53 -14.58
CA ASP B 83 -4.87 -19.28 -15.88
C ASP B 83 -6.39 -19.55 -15.89
N SER B 84 -6.98 -19.67 -14.69
CA SER B 84 -8.42 -19.85 -14.48
C SER B 84 -8.78 -19.24 -13.15
N PHE B 85 -10.04 -18.80 -12.97
CA PHE B 85 -10.49 -18.21 -11.70
C PHE B 85 -10.43 -19.23 -10.58
N CYS B 86 -10.75 -20.50 -10.88
CA CYS B 86 -10.73 -21.61 -9.93
C CYS B 86 -9.31 -21.87 -9.41
N GLY B 87 -8.34 -21.90 -10.31
CA GLY B 87 -6.93 -22.11 -9.99
C GLY B 87 -6.30 -20.94 -9.24
N LEU B 88 -6.63 -19.70 -9.63
CA LEU B 88 -6.11 -18.50 -8.99
C LEU B 88 -6.64 -18.39 -7.55
N LYS B 89 -7.94 -18.75 -7.33
CA LYS B 89 -8.56 -18.77 -6.00
C LYS B 89 -7.86 -19.80 -5.13
N THR B 90 -7.60 -21.01 -5.69
CA THR B 90 -6.91 -22.11 -5.01
C THR B 90 -5.51 -21.64 -4.60
N TYR B 91 -4.81 -20.96 -5.51
CA TYR B 91 -3.49 -20.39 -5.27
C TYR B 91 -3.51 -19.49 -3.99
N VAL B 92 -4.48 -18.55 -3.90
CA VAL B 92 -4.61 -17.62 -2.76
C VAL B 92 -4.99 -18.39 -1.45
N VAL B 93 -5.96 -19.33 -1.53
CA VAL B 93 -6.43 -20.15 -0.40
C VAL B 93 -5.26 -21.00 0.15
N THR B 94 -4.43 -21.57 -0.75
CA THR B 94 -3.25 -22.35 -0.38
C THR B 94 -2.30 -21.48 0.48
N ALA B 95 -2.08 -20.22 0.07
CA ALA B 95 -1.21 -19.29 0.83
C ALA B 95 -1.83 -18.95 2.19
N ILE B 96 -3.14 -18.63 2.23
CA ILE B 96 -3.87 -18.30 3.47
C ILE B 96 -3.72 -19.44 4.48
N ASP B 97 -4.09 -20.68 4.06
CA ASP B 97 -4.04 -21.88 4.91
C ASP B 97 -2.62 -22.15 5.41
N TYR B 98 -1.61 -22.01 4.53
CA TYR B 98 -0.22 -22.18 4.91
C TYR B 98 0.19 -21.15 6.01
N ILE B 99 -0.06 -19.86 5.75
CA ILE B 99 0.29 -18.80 6.69
C ILE B 99 -0.42 -19.03 8.04
N ASN B 100 -1.70 -19.42 8.03
CA ASN B 100 -2.47 -19.70 9.27
C ASN B 100 -1.90 -20.85 10.09
N LYS B 101 -1.27 -21.83 9.42
CA LYS B 101 -0.69 -23.00 10.06
C LYS B 101 0.56 -22.61 10.86
N LEU B 102 1.26 -21.54 10.43
CA LEU B 102 2.54 -21.10 11.00
C LEU B 102 2.46 -20.69 12.49
N SER B 103 3.46 -21.12 13.28
CA SER B 103 3.50 -20.80 14.69
C SER B 103 3.97 -19.37 14.90
N GLU B 104 3.65 -18.78 16.07
CA GLU B 104 4.11 -17.45 16.46
C GLU B 104 5.67 -17.43 16.49
N PRO B 105 6.32 -16.48 15.82
CA PRO B 105 7.79 -16.49 15.79
C PRO B 105 8.42 -16.07 17.11
N THR B 106 9.64 -16.57 17.36
CA THR B 106 10.47 -16.15 18.50
C THR B 106 11.11 -14.81 18.15
N LEU B 107 11.71 -14.09 19.12
CA LEU B 107 12.40 -12.83 18.79
C LEU B 107 13.64 -13.11 17.90
N GLU B 108 14.28 -14.25 18.16
CA GLU B 108 15.48 -14.74 17.47
C GLU B 108 15.19 -14.99 15.99
N GLN B 109 13.99 -15.49 15.65
CA GLN B 109 13.62 -15.69 14.24
C GLN B 109 13.49 -14.36 13.52
N LEU B 110 12.92 -13.35 14.21
CA LEU B 110 12.67 -12.03 13.65
C LEU B 110 13.97 -11.22 13.52
N ASN B 111 15.04 -11.63 14.20
CA ASN B 111 16.33 -10.93 14.07
C ASN B 111 17.25 -11.64 13.08
N LEU B 112 16.88 -12.86 12.63
CA LEU B 112 17.66 -13.59 11.62
C LEU B 112 17.65 -12.84 10.30
N ASN B 113 18.82 -12.77 9.62
CA ASN B 113 18.83 -12.04 8.35
C ASN B 113 18.22 -12.89 7.26
N VAL B 114 17.39 -12.24 6.43
CA VAL B 114 16.74 -12.86 5.30
C VAL B 114 17.54 -12.43 4.07
N GLN B 115 17.87 -13.38 3.22
CA GLN B 115 18.57 -13.10 1.99
C GLN B 115 17.58 -13.16 0.84
N ASP B 116 17.50 -12.09 0.05
CA ASP B 116 16.60 -12.00 -1.09
C ASP B 116 17.24 -11.09 -2.16
N THR B 117 16.58 -10.92 -3.30
CA THR B 117 17.03 -10.02 -4.37
C THR B 117 15.91 -9.04 -4.64
N ALA B 118 16.25 -7.75 -4.73
CA ALA B 118 15.33 -6.65 -5.01
C ALA B 118 15.78 -6.05 -6.34
N GLY B 119 15.24 -6.60 -7.41
CA GLY B 119 15.67 -6.26 -8.77
C GLY B 119 17.02 -6.89 -9.02
N PHE B 120 18.05 -6.06 -9.20
CA PHE B 120 19.43 -6.51 -9.43
C PHE B 120 20.27 -6.56 -8.13
N LYS B 121 19.73 -6.01 -7.03
CA LYS B 121 20.39 -5.86 -5.74
C LYS B 121 20.13 -7.04 -4.82
N GLU B 122 21.22 -7.69 -4.36
CA GLU B 122 21.10 -8.74 -3.35
C GLU B 122 20.95 -8.04 -1.97
N ILE B 123 19.84 -8.33 -1.27
CA ILE B 123 19.54 -7.71 0.01
C ILE B 123 19.67 -8.70 1.16
N SER B 124 20.03 -8.16 2.33
CA SER B 124 20.18 -8.92 3.55
C SER B 124 19.56 -8.07 4.67
N PRO B 126 17.15 -8.08 8.60
CA PRO B 126 16.53 -8.89 9.64
C PRO B 126 15.07 -9.15 9.24
N ALA B 127 14.59 -10.40 9.43
CA ALA B 127 13.25 -10.84 9.03
C ALA B 127 12.15 -9.83 9.40
N SER B 128 12.26 -9.16 10.57
CA SER B 128 11.31 -8.14 11.01
C SER B 128 11.23 -6.97 10.00
N GLU B 129 12.40 -6.33 9.67
CA GLU B 129 12.50 -5.22 8.70
C GLU B 129 12.17 -5.70 7.29
N TYR B 130 12.57 -6.94 6.95
CA TYR B 130 12.26 -7.54 5.68
C TYR B 130 10.74 -7.53 5.45
N SER B 132 8.20 -5.71 7.14
CA SER B 132 7.54 -4.43 7.25
C SER B 132 8.08 -3.36 6.33
N SER B 133 9.40 -3.31 6.09
CA SER B 133 9.97 -2.29 5.20
C SER B 133 10.01 -2.70 3.73
N PHE B 134 10.26 -4.00 3.45
CA PHE B 134 10.40 -4.42 2.06
C PHE B 134 9.14 -5.04 1.53
N VAL B 135 8.65 -6.10 2.18
CA VAL B 135 7.49 -6.83 1.65
C VAL B 135 6.20 -6.02 1.70
N LEU B 136 5.82 -5.48 2.88
CA LEU B 136 4.56 -4.76 3.07
C LEU B 136 4.25 -3.72 1.93
N PRO B 137 5.16 -2.74 1.57
CA PRO B 137 4.81 -1.81 0.49
CA PRO B 137 4.81 -1.81 0.49
C PRO B 137 4.64 -2.51 -0.87
N ASN B 138 5.48 -3.52 -1.18
CA ASN B 138 5.45 -4.28 -2.45
C ASN B 138 4.18 -5.11 -2.53
N PHE B 139 3.77 -5.72 -1.41
CA PHE B 139 2.52 -6.46 -1.32
C PHE B 139 1.33 -5.55 -1.71
N PHE B 140 1.28 -4.35 -1.11
CA PHE B 140 0.19 -3.42 -1.36
C PHE B 140 0.23 -2.85 -2.76
N PHE B 141 1.42 -2.72 -3.36
CA PHE B 141 1.53 -2.27 -4.74
C PHE B 141 0.79 -3.22 -5.69
N HIS B 142 1.12 -4.54 -5.63
CA HIS B 142 0.51 -5.54 -6.51
C HIS B 142 -0.97 -5.77 -6.18
N ILE B 143 -1.37 -5.73 -4.90
CA ILE B 143 -2.78 -5.82 -4.51
C ILE B 143 -3.55 -4.64 -5.18
N SER B 144 -2.99 -3.41 -5.10
CA SER B 144 -3.57 -2.20 -5.69
C SER B 144 -3.73 -2.34 -7.19
N VAL B 146 -4.25 -5.21 -8.82
CA VAL B 146 -5.35 -6.18 -9.03
C VAL B 146 -6.70 -5.43 -9.00
N TYR B 147 -6.88 -4.55 -8.01
CA TYR B 147 -8.10 -3.76 -7.82
C TYR B 147 -8.28 -2.74 -8.95
N ALA B 148 -7.22 -2.02 -9.33
CA ALA B 148 -7.29 -1.04 -10.44
C ALA B 148 -7.61 -1.72 -11.79
N ILE B 149 -7.03 -2.93 -12.07
CA ILE B 149 -7.31 -3.69 -13.30
C ILE B 149 -8.79 -4.11 -13.30
N ALA B 150 -9.30 -4.61 -12.14
CA ALA B 150 -10.70 -5.03 -11.97
C ALA B 150 -11.64 -3.87 -12.24
N LYS B 151 -11.36 -2.68 -11.65
CA LYS B 151 -12.17 -1.47 -11.83
C LYS B 151 -12.14 -1.01 -13.29
N ASN B 152 -10.99 -1.13 -13.97
CA ASN B 152 -10.78 -0.75 -15.37
C ASN B 152 -11.60 -1.63 -16.31
N ASN B 153 -11.92 -2.87 -15.90
CA ASN B 153 -12.67 -3.82 -16.71
C ASN B 153 -14.13 -3.92 -16.27
N GLY B 154 -14.67 -2.81 -15.76
CA GLY B 154 -16.07 -2.65 -15.37
C GLY B 154 -16.57 -3.39 -14.15
N VAL B 155 -15.68 -3.98 -13.32
CA VAL B 155 -16.06 -4.69 -12.08
C VAL B 155 -16.49 -3.65 -11.05
N SER B 156 -17.68 -3.82 -10.44
CA SER B 156 -18.23 -2.92 -9.42
C SER B 156 -17.44 -3.06 -8.10
N VAL B 157 -16.38 -2.27 -7.95
CA VAL B 157 -15.55 -2.31 -6.76
C VAL B 157 -15.46 -0.93 -6.09
N THR B 158 -15.52 -0.91 -4.75
CA THR B 158 -15.35 0.31 -3.93
C THR B 158 -14.13 0.08 -3.04
N LYS B 159 -13.76 1.12 -2.25
CA LYS B 159 -12.66 1.01 -1.28
C LYS B 159 -12.95 -0.09 -0.24
N GLY B 160 -14.23 -0.37 0.02
CA GLY B 160 -14.68 -1.43 0.92
C GLY B 160 -14.20 -2.81 0.51
N ASP B 161 -14.14 -3.08 -0.81
CA ASP B 161 -13.64 -4.36 -1.32
C ASP B 161 -12.13 -4.50 -1.12
N PHE B 162 -11.43 -3.35 -1.02
CA PHE B 162 -10.00 -3.27 -0.84
C PHE B 162 -9.58 -3.34 0.63
N ASP B 163 -10.27 -2.64 1.55
CA ASP B 163 -9.81 -2.64 2.94
C ASP B 163 -10.79 -3.25 3.95
N GLY B 164 -12.04 -3.54 3.54
CA GLY B 164 -13.07 -4.08 4.43
C GLY B 164 -13.48 -3.15 5.56
N ILE B 165 -13.17 -1.83 5.45
CA ILE B 165 -13.45 -0.81 6.47
C ILE B 165 -14.36 0.28 5.83
N HIS B 166 -14.01 0.75 4.63
CA HIS B 166 -14.83 1.73 3.92
C HIS B 166 -16.18 1.11 3.58
N GLN B 167 -17.25 1.89 3.75
CA GLN B 167 -18.61 1.44 3.44
C GLN B 167 -19.32 2.54 2.69
N TYR B 168 -20.09 2.15 1.68
CA TYR B 168 -20.85 3.05 0.85
C TYR B 168 -22.25 2.49 0.67
N PRO B 169 -23.29 3.34 0.45
CA PRO B 169 -24.63 2.79 0.18
C PRO B 169 -24.61 1.85 -1.02
N LYS B 170 -25.34 0.71 -0.91
CA LYS B 170 -25.41 -0.30 -1.96
C LYS B 170 -26.72 -0.18 -2.76
N GLY B 171 -26.82 -0.96 -3.84
CA GLY B 171 -27.99 -1.00 -4.72
C GLY B 171 -28.83 -2.24 -4.53
N PHE B 172 -29.38 -2.79 -5.63
CA PHE B 172 -30.25 -3.97 -5.61
C PHE B 172 -30.04 -4.86 -6.88
N SER B 173 -31.16 -5.34 -7.49
CA SER B 173 -31.29 -6.17 -8.69
C SER B 173 -30.44 -7.46 -8.62
#